data_5O06
#
_entry.id   5O06
#
_cell.length_a   75.867
_cell.length_b   124.503
_cell.length_c   118.567
_cell.angle_alpha   90.000
_cell.angle_beta   90.000
_cell.angle_gamma   90.000
#
_symmetry.space_group_name_H-M   'C 2 2 21'
#
loop_
_entity.id
_entity.type
_entity.pdbx_description
1 polymer 'Phosphopantetheine adenylyltransferase'
2 non-polymer 1,2-ETHANEDIOL
3 water water
#
_entity_poly.entity_id   1
_entity_poly.type   'polypeptide(L)'
_entity_poly.pdbx_seq_one_letter_code
;SMTGAVCPGSFDPVTLGHLDVFERAAAQFDEVIVAVLINPNKAGMFTVDERIEMIRESTADLPNLRVESGQGLLVDFVRE
RGLNAIVKGLRTGTDFEYELQMAQMNKHIAGVDTFFVATAPAYSFVSSSLAKEVATYGGDVSALLPASVHQRLLGKLRGQ
AQ
;
_entity_poly.pdbx_strand_id   A,B,C
#
loop_
_chem_comp.id
_chem_comp.type
_chem_comp.name
_chem_comp.formula
EDO non-polymer 1,2-ETHANEDIOL 'C2 H6 O2'
#
# COMPACT_ATOMS: atom_id res chain seq x y z
N MET A 2 26.15 5.14 -27.79
CA MET A 2 24.86 5.65 -28.24
C MET A 2 23.73 5.30 -27.26
N THR A 3 23.71 4.06 -26.78
CA THR A 3 22.63 3.59 -25.92
C THR A 3 22.75 4.14 -24.50
N GLY A 4 21.63 4.17 -23.79
CA GLY A 4 21.66 4.70 -22.44
C GLY A 4 20.36 4.52 -21.69
N ALA A 5 20.46 4.51 -20.35
CA ALA A 5 19.29 4.36 -19.51
C ALA A 5 19.41 5.18 -18.25
N VAL A 6 18.27 5.51 -17.68
CA VAL A 6 18.21 6.22 -16.40
C VAL A 6 17.73 5.27 -15.31
N CYS A 7 18.45 5.25 -14.20
CA CYS A 7 18.07 4.48 -13.01
C CYS A 7 17.56 5.44 -11.95
N PRO A 8 16.24 5.50 -11.74
CA PRO A 8 15.64 6.48 -10.86
C PRO A 8 15.36 5.97 -9.45
N GLY A 9 15.27 6.91 -8.51
CA GLY A 9 14.90 6.58 -7.15
C GLY A 9 15.14 7.76 -6.22
N SER A 10 14.71 7.63 -4.97
CA SER A 10 15.02 8.66 -3.99
CA SER A 10 14.99 8.62 -3.94
C SER A 10 16.36 8.39 -3.33
N PHE A 11 16.79 7.12 -3.28
CA PHE A 11 18.10 6.71 -2.76
C PHE A 11 18.44 7.40 -1.43
N ASP A 12 17.58 7.15 -0.44
CA ASP A 12 17.67 7.82 0.84
C ASP A 12 17.73 6.83 2.00
N PRO A 13 18.83 6.06 2.10
CA PRO A 13 20.04 6.03 1.27
C PRO A 13 20.03 4.94 0.21
N VAL A 14 20.99 5.03 -0.72
CA VAL A 14 21.27 3.96 -1.66
C VAL A 14 21.60 2.66 -0.89
N THR A 15 21.10 1.54 -1.39
CA THR A 15 21.36 0.21 -0.80
C THR A 15 22.16 -0.67 -1.76
N LEU A 16 22.59 -1.85 -1.32
CA LEU A 16 23.26 -2.75 -2.21
C LEU A 16 22.30 -3.33 -3.27
N GLY A 17 21.01 -3.30 -2.98
CA GLY A 17 20.00 -3.66 -3.97
C GLY A 17 20.03 -2.70 -5.13
N HIS A 18 20.09 -1.42 -4.81
CA HIS A 18 20.26 -0.40 -5.85
C HIS A 18 21.56 -0.57 -6.61
N LEU A 19 22.67 -0.79 -5.90
CA LEU A 19 23.96 -0.86 -6.58
C LEU A 19 24.01 -2.03 -7.56
N ASP A 20 23.40 -3.15 -7.18
CA ASP A 20 23.31 -4.30 -8.06
C ASP A 20 22.65 -3.91 -9.37
N VAL A 21 21.51 -3.23 -9.29
CA VAL A 21 20.80 -2.79 -10.49
C VAL A 21 21.66 -1.80 -11.29
N PHE A 22 22.32 -0.87 -10.61
CA PHE A 22 23.19 0.09 -11.31
C PHE A 22 24.25 -0.65 -12.13
N GLU A 23 24.86 -1.65 -11.52
CA GLU A 23 25.94 -2.42 -12.13
C GLU A 23 25.46 -3.15 -13.38
N ARG A 24 24.27 -3.73 -13.29
CA ARG A 24 23.71 -4.44 -14.43
C ARG A 24 23.38 -3.48 -15.56
N ALA A 25 22.79 -2.35 -15.22
CA ALA A 25 22.50 -1.33 -16.22
C ALA A 25 23.77 -0.87 -16.89
N ALA A 26 24.81 -0.62 -16.10
CA ALA A 26 26.08 -0.11 -16.65
C ALA A 26 26.74 -1.15 -17.55
N ALA A 27 26.48 -2.42 -17.26
CA ALA A 27 27.05 -3.49 -18.07
C ALA A 27 26.32 -3.66 -19.41
N GLN A 28 25.11 -3.12 -19.52
CA GLN A 28 24.26 -3.40 -20.68
C GLN A 28 23.88 -2.19 -21.52
N PHE A 29 24.20 -0.99 -21.05
CA PHE A 29 23.96 0.26 -21.77
C PHE A 29 25.25 1.07 -21.84
N ASP A 30 25.43 1.85 -22.91
CA ASP A 30 26.68 2.59 -23.08
C ASP A 30 26.83 3.63 -21.95
N GLU A 31 25.75 4.31 -21.60
CA GLU A 31 25.81 5.23 -20.47
C GLU A 31 24.63 5.05 -19.54
N VAL A 32 24.87 5.23 -18.25
CA VAL A 32 23.80 5.16 -17.27
C VAL A 32 23.80 6.41 -16.41
N ILE A 33 22.62 6.99 -16.22
CA ILE A 33 22.47 8.11 -15.30
C ILE A 33 21.60 7.68 -14.14
N VAL A 34 22.14 7.76 -12.94
CA VAL A 34 21.35 7.57 -11.73
C VAL A 34 20.63 8.89 -11.43
N ALA A 35 19.31 8.85 -11.43
CA ALA A 35 18.49 10.04 -11.18
C ALA A 35 18.01 10.03 -9.75
N VAL A 36 18.56 10.94 -8.95
CA VAL A 36 18.15 11.12 -7.57
C VAL A 36 16.98 12.08 -7.52
N LEU A 37 15.78 11.52 -7.45
CA LEU A 37 14.58 12.35 -7.55
C LEU A 37 14.14 12.84 -6.18
N ILE A 38 13.88 14.15 -6.14
CA ILE A 38 13.66 14.89 -4.92
C ILE A 38 12.25 15.46 -4.90
N ASN A 39 11.53 15.26 -3.80
CA ASN A 39 10.30 15.98 -3.57
C ASN A 39 10.65 17.23 -2.77
N PRO A 40 10.49 18.41 -3.38
CA PRO A 40 10.92 19.62 -2.67
C PRO A 40 10.04 19.91 -1.45
N ASN A 41 9.02 19.10 -1.22
CA ASN A 41 8.11 19.28 -0.09
C ASN A 41 8.21 18.20 0.99
N LYS A 42 9.26 17.36 0.93
CA LYS A 42 9.56 16.44 2.04
C LYS A 42 11.05 16.14 2.11
N ALA A 43 11.62 16.32 3.31
CA ALA A 43 13.08 16.40 3.48
C ALA A 43 13.84 15.07 3.38
N GLY A 44 13.25 14.00 3.90
CA GLY A 44 13.96 12.72 3.95
C GLY A 44 15.06 12.73 4.99
N MET A 45 15.86 11.66 5.05
CA MET A 45 16.94 11.59 6.02
C MET A 45 18.22 12.27 5.55
N PHE A 46 18.58 12.03 4.29
CA PHE A 46 19.80 12.60 3.73
C PHE A 46 19.51 13.74 2.76
N THR A 47 20.38 14.74 2.75
CA THR A 47 20.28 15.83 1.80
C THR A 47 20.65 15.31 0.41
N VAL A 48 20.30 16.06 -0.62
CA VAL A 48 20.64 15.65 -1.98
CA VAL A 48 20.65 15.71 -2.00
C VAL A 48 22.14 15.45 -2.17
N ASP A 49 22.96 16.39 -1.67
CA ASP A 49 24.39 16.25 -1.82
C ASP A 49 24.91 14.99 -1.13
N GLU A 50 24.35 14.67 0.04
CA GLU A 50 24.73 13.46 0.77
C GLU A 50 24.37 12.19 0.00
N ARG A 51 23.15 12.17 -0.55
CA ARG A 51 22.71 11.02 -1.34
C ARG A 51 23.62 10.78 -2.53
N ILE A 52 23.95 11.86 -3.24
CA ILE A 52 24.78 11.77 -4.42
C ILE A 52 26.19 11.29 -4.08
N GLU A 53 26.74 11.82 -2.99
CA GLU A 53 28.08 11.43 -2.55
C GLU A 53 28.13 9.95 -2.20
N MET A 54 27.09 9.46 -1.54
CA MET A 54 27.08 8.05 -1.16
C MET A 54 27.00 7.15 -2.39
N ILE A 55 26.25 7.57 -3.40
CA ILE A 55 26.19 6.79 -4.63
C ILE A 55 27.51 6.83 -5.38
N ARG A 56 28.10 8.02 -5.50
CA ARG A 56 29.36 8.14 -6.24
C ARG A 56 30.47 7.31 -5.61
N GLU A 57 30.53 7.32 -4.29
CA GLU A 57 31.56 6.59 -3.59
C GLU A 57 31.46 5.08 -3.76
N SER A 58 30.25 4.58 -4.03
CA SER A 58 30.07 3.15 -4.18
C SER A 58 29.94 2.71 -5.64
N THR A 59 30.07 3.66 -6.57
CA THR A 59 30.03 3.36 -8.00
C THR A 59 31.29 3.78 -8.73
N ALA A 60 32.37 3.97 -8.00
CA ALA A 60 33.61 4.51 -8.57
C ALA A 60 34.22 3.55 -9.59
N ASP A 61 33.87 2.28 -9.50
CA ASP A 61 34.34 1.26 -10.44
C ASP A 61 33.44 1.15 -11.67
N LEU A 62 32.52 2.10 -11.85
CA LEU A 62 31.64 2.11 -13.01
C LEU A 62 31.85 3.38 -13.83
N PRO A 63 32.75 3.32 -14.82
CA PRO A 63 33.20 4.51 -15.55
C PRO A 63 32.11 5.16 -16.40
N ASN A 64 31.07 4.40 -16.75
CA ASN A 64 30.04 4.93 -17.63
C ASN A 64 28.76 5.30 -16.89
N LEU A 65 28.87 5.43 -15.57
CA LEU A 65 27.74 5.83 -14.75
C LEU A 65 27.98 7.22 -14.18
N ARG A 66 26.97 8.08 -14.27
CA ARG A 66 27.02 9.37 -13.60
C ARG A 66 25.76 9.58 -12.77
N VAL A 67 25.82 10.53 -11.85
CA VAL A 67 24.74 10.73 -10.88
C VAL A 67 24.26 12.16 -10.91
N GLU A 68 22.95 12.33 -11.08
CA GLU A 68 22.37 13.67 -11.10
C GLU A 68 21.04 13.70 -10.36
N SER A 69 20.72 14.84 -9.76
CA SER A 69 19.43 14.98 -9.10
C SER A 69 18.43 15.67 -10.00
N GLY A 70 17.17 15.59 -9.59
CA GLY A 70 16.08 16.19 -10.33
C GLY A 70 14.77 16.12 -9.57
N GLN A 71 13.74 16.70 -10.18
CA GLN A 71 12.41 16.69 -9.60
C GLN A 71 11.40 16.80 -10.73
N GLY A 72 10.11 16.69 -10.42
CA GLY A 72 9.10 16.72 -11.46
C GLY A 72 9.04 15.39 -12.19
N LEU A 73 8.61 15.43 -13.46
CA LEU A 73 8.42 14.20 -14.23
C LEU A 73 9.72 13.51 -14.59
N LEU A 74 9.82 12.24 -14.23
CA LEU A 74 10.96 11.42 -14.61
C LEU A 74 11.18 11.44 -16.13
N VAL A 75 10.10 11.32 -16.91
CA VAL A 75 10.29 11.25 -18.36
C VAL A 75 10.93 12.53 -18.92
N ASP A 76 10.71 13.68 -18.27
CA ASP A 76 11.39 14.90 -18.70
C ASP A 76 12.88 14.85 -18.42
N PHE A 77 13.24 14.34 -17.23
CA PHE A 77 14.65 14.11 -16.90
C PHE A 77 15.30 13.21 -17.95
N VAL A 78 14.61 12.13 -18.31
CA VAL A 78 15.13 11.19 -19.28
C VAL A 78 15.29 11.82 -20.68
N ARG A 79 14.22 12.44 -21.17
CA ARG A 79 14.21 12.98 -22.54
C ARG A 79 15.15 14.16 -22.70
N GLU A 80 15.28 15.00 -21.67
CA GLU A 80 16.18 16.17 -21.79
C GLU A 80 17.65 15.75 -21.89
N ARG A 81 17.93 14.48 -21.59
CA ARG A 81 19.27 13.93 -21.73
C ARG A 81 19.43 13.09 -23.00
N GLY A 82 18.42 13.14 -23.88
CA GLY A 82 18.47 12.48 -25.16
C GLY A 82 18.32 10.99 -25.06
N LEU A 83 17.74 10.55 -23.95
CA LEU A 83 17.50 9.13 -23.73
C LEU A 83 16.02 8.83 -23.72
N ASN A 84 15.66 7.54 -23.79
CA ASN A 84 14.24 7.20 -23.63
C ASN A 84 14.06 5.83 -23.00
N ALA A 85 14.96 5.49 -22.10
CA ALA A 85 14.81 4.26 -21.32
C ALA A 85 15.05 4.47 -19.83
N ILE A 86 14.23 3.80 -19.03
CA ILE A 86 14.34 3.72 -17.59
C ILE A 86 14.68 2.28 -17.24
N VAL A 87 15.63 2.06 -16.34
CA VAL A 87 15.85 0.73 -15.77
C VAL A 87 15.53 0.77 -14.29
N LYS A 88 14.57 -0.06 -13.86
CA LYS A 88 14.07 -0.03 -12.49
C LYS A 88 14.25 -1.40 -11.87
N GLY A 89 14.73 -1.42 -10.63
CA GLY A 89 14.93 -2.68 -9.93
C GLY A 89 13.65 -3.22 -9.32
N LEU A 90 13.59 -4.54 -9.23
CA LEU A 90 12.53 -5.27 -8.52
C LEU A 90 13.12 -5.96 -7.30
N ARG A 91 12.43 -5.88 -6.18
CA ARG A 91 12.85 -6.57 -4.96
C ARG A 91 11.64 -7.16 -4.30
N THR A 92 11.85 -7.94 -3.24
CA THR A 92 10.75 -8.39 -2.44
C THR A 92 10.11 -7.18 -1.78
N GLY A 93 8.80 -7.03 -1.97
CA GLY A 93 8.10 -5.87 -1.44
C GLY A 93 7.90 -4.75 -2.44
N THR A 94 8.39 -4.92 -3.66
CA THR A 94 8.12 -3.97 -4.71
C THR A 94 6.62 -3.97 -5.00
N ASP A 95 6.01 -2.78 -5.13
CA ASP A 95 4.63 -2.70 -5.58
C ASP A 95 4.66 -2.75 -7.10
N PHE A 96 4.64 -3.95 -7.66
CA PHE A 96 4.88 -4.08 -9.10
C PHE A 96 3.71 -3.52 -9.89
N GLU A 97 2.50 -3.70 -9.38
CA GLU A 97 1.33 -3.19 -10.08
C GLU A 97 1.41 -1.68 -10.22
N TYR A 98 1.89 -1.00 -9.20
CA TYR A 98 2.06 0.46 -9.32
C TYR A 98 3.17 0.78 -10.30
N GLU A 99 4.28 0.03 -10.24
CA GLU A 99 5.36 0.25 -11.22
C GLU A 99 4.87 0.05 -12.65
N LEU A 100 4.01 -0.95 -12.86
CA LEU A 100 3.46 -1.20 -14.19
CA LEU A 100 3.47 -1.19 -14.21
C LEU A 100 2.59 -0.03 -14.64
N GLN A 101 1.75 0.47 -13.73
CA GLN A 101 0.90 1.62 -14.04
C GLN A 101 1.75 2.81 -14.47
N MET A 102 2.80 3.07 -13.69
CA MET A 102 3.67 4.20 -14.02
C MET A 102 4.41 3.97 -15.33
N ALA A 103 4.84 2.75 -15.57
CA ALA A 103 5.51 2.46 -16.84
C ALA A 103 4.60 2.71 -18.03
N GLN A 104 3.34 2.28 -17.94
CA GLN A 104 2.43 2.47 -19.07
C GLN A 104 2.11 3.95 -19.24
N MET A 105 1.96 4.67 -18.14
CA MET A 105 1.73 6.11 -18.22
C MET A 105 2.94 6.80 -18.85
N ASN A 106 4.14 6.42 -18.43
CA ASN A 106 5.35 7.08 -18.94
C ASN A 106 5.58 6.85 -20.43
N LYS A 107 5.25 5.66 -20.92
CA LYS A 107 5.30 5.37 -22.35
C LYS A 107 4.24 6.19 -23.09
N HIS A 108 3.04 6.28 -22.51
CA HIS A 108 1.96 7.04 -23.14
C HIS A 108 2.31 8.52 -23.31
N ILE A 109 2.81 9.15 -22.26
CA ILE A 109 3.00 10.62 -22.31
C ILE A 109 4.32 11.05 -22.95
N ALA A 110 5.29 10.16 -23.05
CA ALA A 110 6.62 10.59 -23.50
C ALA A 110 7.39 9.58 -24.35
N GLY A 111 6.79 8.41 -24.56
CA GLY A 111 7.40 7.40 -25.40
C GLY A 111 8.62 6.75 -24.78
N VAL A 112 8.73 6.85 -23.45
CA VAL A 112 9.88 6.30 -22.73
C VAL A 112 9.58 4.87 -22.29
N ASP A 113 10.53 3.98 -22.53
CA ASP A 113 10.38 2.56 -22.17
C ASP A 113 10.91 2.31 -20.77
N THR A 114 10.32 1.35 -20.05
CA THR A 114 10.82 0.98 -18.73
C THR A 114 11.20 -0.49 -18.74
N PHE A 115 12.44 -0.78 -18.36
CA PHE A 115 12.91 -2.16 -18.24
C PHE A 115 13.08 -2.50 -16.78
N PHE A 116 12.48 -3.60 -16.35
CA PHE A 116 12.61 -4.04 -14.97
C PHE A 116 13.61 -5.17 -14.85
N VAL A 117 14.42 -5.11 -13.80
CA VAL A 117 15.36 -6.19 -13.55
C VAL A 117 15.31 -6.55 -12.07
N ALA A 118 15.23 -7.85 -11.80
CA ALA A 118 15.20 -8.30 -10.43
C ALA A 118 16.59 -8.21 -9.78
N THR A 119 16.66 -7.63 -8.59
CA THR A 119 17.94 -7.54 -7.92
C THR A 119 18.33 -8.94 -7.40
N ALA A 120 19.62 -9.12 -7.14
CA ALA A 120 20.16 -10.39 -6.67
C ALA A 120 19.43 -10.85 -5.41
N PRO A 121 19.25 -12.17 -5.28
CA PRO A 121 18.57 -12.66 -4.08
C PRO A 121 19.12 -12.11 -2.75
N ALA A 122 20.44 -12.05 -2.63
CA ALA A 122 21.07 -11.59 -1.39
C ALA A 122 20.63 -10.17 -1.02
N TYR A 123 20.31 -9.36 -2.03
CA TYR A 123 19.92 -7.98 -1.78
C TYR A 123 18.44 -7.74 -2.00
N SER A 124 17.66 -8.81 -2.09
CA SER A 124 16.26 -8.71 -2.50
C SER A 124 15.29 -8.26 -1.41
N PHE A 125 15.74 -8.22 -0.16
CA PHE A 125 14.81 -7.84 0.90
C PHE A 125 15.19 -6.54 1.60
N VAL A 126 16.27 -5.90 1.13
CA VAL A 126 16.58 -4.58 1.65
C VAL A 126 15.82 -3.51 0.86
N SER A 127 15.36 -2.49 1.58
CA SER A 127 14.87 -1.26 0.96
C SER A 127 15.38 -0.10 1.80
N SER A 128 15.41 1.10 1.23
CA SER A 128 15.87 2.25 1.99
C SER A 128 15.05 2.39 3.27
N SER A 129 13.73 2.28 3.12
CA SER A 129 12.83 2.49 4.25
CA SER A 129 12.85 2.50 4.26
C SER A 129 12.98 1.41 5.33
N LEU A 130 13.04 0.15 4.91
CA LEU A 130 13.17 -0.91 5.92
C LEU A 130 14.56 -0.90 6.58
N ALA A 131 15.59 -0.51 5.84
CA ALA A 131 16.92 -0.42 6.40
C ALA A 131 16.96 0.68 7.46
N LYS A 132 16.37 1.83 7.14
CA LYS A 132 16.30 2.92 8.11
C LYS A 132 15.51 2.50 9.36
N GLU A 133 14.39 1.80 9.17
CA GLU A 133 13.57 1.36 10.30
C GLU A 133 14.33 0.38 11.19
N VAL A 134 14.99 -0.61 10.58
CA VAL A 134 15.72 -1.60 11.36
C VAL A 134 16.90 -0.97 12.10
N ALA A 135 17.63 -0.09 11.43
CA ALA A 135 18.78 0.55 12.05
C ALA A 135 18.36 1.48 13.18
N THR A 136 17.18 2.07 13.06
CA THR A 136 16.65 2.99 14.08
C THR A 136 16.54 2.28 15.41
N TYR A 137 16.17 1.00 15.36
CA TYR A 137 16.00 0.21 16.57
C TYR A 137 17.16 -0.75 16.81
N GLY A 138 18.31 -0.47 16.20
CA GLY A 138 19.55 -1.16 16.52
C GLY A 138 19.90 -2.41 15.74
N GLY A 139 19.04 -2.81 14.80
CA GLY A 139 19.30 -4.00 14.02
C GLY A 139 20.46 -3.79 13.07
N ASP A 140 21.14 -4.89 12.76
CA ASP A 140 22.37 -4.87 11.98
C ASP A 140 22.10 -4.99 10.48
N VAL A 141 22.23 -3.87 9.78
CA VAL A 141 21.99 -3.83 8.35
C VAL A 141 23.28 -3.60 7.56
N SER A 142 24.41 -3.78 8.26
CA SER A 142 25.75 -3.54 7.68
C SER A 142 26.03 -4.34 6.42
N ALA A 143 25.43 -5.53 6.30
CA ALA A 143 25.67 -6.34 5.10
C ALA A 143 24.78 -5.95 3.92
N LEU A 144 23.90 -4.98 4.10
CA LEU A 144 22.89 -4.69 3.07
C LEU A 144 23.11 -3.32 2.45
N LEU A 145 24.11 -2.61 2.96
CA LEU A 145 24.40 -1.25 2.51
C LEU A 145 25.87 -1.13 2.18
N PRO A 146 26.21 -0.28 1.20
CA PRO A 146 27.63 -0.04 0.93
C PRO A 146 28.29 0.67 2.09
N ALA A 147 29.61 0.51 2.19
CA ALA A 147 30.41 1.17 3.20
C ALA A 147 30.22 2.69 3.18
N SER A 148 29.90 3.24 2.01
CA SER A 148 29.72 4.68 1.89
C SER A 148 28.49 5.17 2.65
N VAL A 149 27.65 4.23 3.09
CA VAL A 149 26.35 4.56 3.67
C VAL A 149 26.23 4.21 5.14
N HIS A 150 26.72 3.05 5.51
CA HIS A 150 26.34 2.45 6.78
C HIS A 150 26.60 3.34 7.99
N GLN A 151 27.81 3.82 8.14
CA GLN A 151 28.10 4.59 9.34
C GLN A 151 27.51 6.00 9.25
N ARG A 152 27.36 6.54 8.05
CA ARG A 152 26.64 7.80 7.90
C ARG A 152 25.19 7.65 8.35
N LEU A 153 24.59 6.52 8.01
CA LEU A 153 23.25 6.21 8.49
C LEU A 153 23.21 6.19 10.02
N LEU A 154 24.15 5.48 10.62
CA LEU A 154 24.19 5.40 12.08
C LEU A 154 24.38 6.80 12.69
N GLY A 155 25.21 7.60 12.05
CA GLY A 155 25.42 8.97 12.46
C GLY A 155 24.14 9.79 12.49
N LYS A 156 23.40 9.78 11.38
CA LYS A 156 22.10 10.45 11.32
C LYS A 156 21.19 10.00 12.46
N LEU A 157 21.18 8.70 12.74
CA LEU A 157 20.29 8.16 13.76
C LEU A 157 20.72 8.54 15.18
N ARG A 158 22.00 8.84 15.36
CA ARG A 158 22.48 9.27 16.69
C ARG A 158 22.72 10.77 16.75
N MET B 2 12.01 -27.71 24.56
CA MET B 2 10.79 -26.90 24.60
C MET B 2 10.75 -25.89 23.45
N THR B 3 9.62 -25.83 22.78
CA THR B 3 9.47 -25.01 21.58
C THR B 3 8.67 -23.76 21.88
N GLY B 4 8.69 -22.78 20.97
CA GLY B 4 7.96 -21.57 21.25
C GLY B 4 7.92 -20.62 20.07
N ALA B 5 6.88 -19.81 20.03
CA ALA B 5 6.78 -18.78 19.01
C ALA B 5 6.12 -17.52 19.53
N VAL B 6 6.38 -16.41 18.84
CA VAL B 6 5.74 -15.15 19.14
C VAL B 6 4.72 -14.77 18.05
N CYS B 7 3.53 -14.35 18.48
CA CYS B 7 2.48 -13.82 17.59
C CYS B 7 2.37 -12.30 17.74
N PRO B 8 2.91 -11.54 16.79
CA PRO B 8 2.98 -10.08 16.88
C PRO B 8 1.80 -9.35 16.24
N GLY B 9 1.51 -8.16 16.74
CA GLY B 9 0.50 -7.31 16.13
C GLY B 9 0.21 -6.10 16.99
N SER B 10 -0.65 -5.23 16.49
CA SER B 10 -1.09 -4.12 17.32
C SER B 10 -2.40 -4.46 18.03
N PHE B 11 -3.18 -5.38 17.46
CA PHE B 11 -4.41 -5.88 18.09
C PHE B 11 -5.29 -4.78 18.67
N ASP B 12 -5.75 -3.88 17.81
CA ASP B 12 -6.47 -2.69 18.23
C ASP B 12 -7.85 -2.60 17.55
N PRO B 13 -8.79 -3.49 17.89
CA PRO B 13 -8.74 -4.57 18.88
C PRO B 13 -8.43 -5.93 18.26
N VAL B 14 -8.16 -6.92 19.11
CA VAL B 14 -8.04 -8.30 18.65
C VAL B 14 -9.33 -8.75 17.96
N THR B 15 -9.17 -9.54 16.89
CA THR B 15 -10.30 -10.04 16.14
C THR B 15 -10.34 -11.56 16.24
N LEU B 16 -11.40 -12.16 15.72
CA LEU B 16 -11.46 -13.61 15.67
C LEU B 16 -10.46 -14.18 14.68
N GLY B 17 -10.02 -13.38 13.72
CA GLY B 17 -8.96 -13.80 12.82
C GLY B 17 -7.66 -13.99 13.59
N HIS B 18 -7.36 -13.03 14.47
CA HIS B 18 -6.19 -13.13 15.33
C HIS B 18 -6.29 -14.34 16.24
N LEU B 19 -7.47 -14.52 16.84
CA LEU B 19 -7.67 -15.59 17.83
C LEU B 19 -7.45 -16.94 17.19
N ASP B 20 -7.93 -17.09 15.95
CA ASP B 20 -7.78 -18.35 15.23
C ASP B 20 -6.30 -18.69 15.09
N VAL B 21 -5.51 -17.68 14.73
CA VAL B 21 -4.06 -17.87 14.61
C VAL B 21 -3.42 -18.17 15.97
N PHE B 22 -3.82 -17.45 17.02
CA PHE B 22 -3.33 -17.74 18.36
C PHE B 22 -3.55 -19.19 18.76
N GLU B 23 -4.75 -19.68 18.46
CA GLU B 23 -5.14 -21.05 18.83
C GLU B 23 -4.28 -22.06 18.09
N ARG B 24 -3.99 -21.77 16.83
CA ARG B 24 -3.20 -22.73 16.09
C ARG B 24 -1.75 -22.71 16.55
N ALA B 25 -1.22 -21.52 16.86
CA ALA B 25 0.11 -21.45 17.42
C ALA B 25 0.17 -22.21 18.74
N ALA B 26 -0.82 -21.98 19.60
CA ALA B 26 -0.79 -22.59 20.94
C ALA B 26 -0.91 -24.11 20.84
N ALA B 27 -1.58 -24.59 19.79
CA ALA B 27 -1.72 -26.03 19.57
C ALA B 27 -0.43 -26.69 19.08
N GLN B 28 0.48 -25.90 18.49
CA GLN B 28 1.63 -26.47 17.80
C GLN B 28 2.98 -26.14 18.44
N PHE B 29 3.01 -25.20 19.38
CA PHE B 29 4.24 -24.81 20.06
C PHE B 29 4.07 -24.93 21.58
N ASP B 30 5.13 -25.28 22.29
CA ASP B 30 4.99 -25.45 23.75
C ASP B 30 4.63 -24.15 24.46
N GLU B 31 5.17 -23.04 23.96
CA GLU B 31 4.97 -21.74 24.55
C GLU B 31 4.65 -20.73 23.45
N VAL B 32 3.63 -19.90 23.67
CA VAL B 32 3.33 -18.82 22.73
C VAL B 32 3.25 -17.50 23.49
N ILE B 33 3.89 -16.46 22.93
CA ILE B 33 3.77 -15.13 23.47
C ILE B 33 3.11 -14.23 22.45
N VAL B 34 2.00 -13.62 22.82
CA VAL B 34 1.38 -12.62 21.97
C VAL B 34 2.05 -11.30 22.28
N ALA B 35 2.64 -10.68 21.26
CA ALA B 35 3.38 -9.45 21.45
C ALA B 35 2.53 -8.29 20.95
N VAL B 36 2.05 -7.49 21.89
CA VAL B 36 1.26 -6.31 21.58
C VAL B 36 2.24 -5.18 21.34
N LEU B 37 2.54 -4.94 20.07
CA LEU B 37 3.59 -4.01 19.69
C LEU B 37 2.98 -2.63 19.55
N ILE B 38 3.50 -1.70 20.34
CA ILE B 38 2.85 -0.41 20.47
C ILE B 38 3.71 0.68 19.83
N ASN B 39 3.04 1.61 19.17
CA ASN B 39 3.72 2.69 18.49
C ASN B 39 3.54 4.00 19.24
N PRO B 40 4.66 4.63 19.63
CA PRO B 40 4.65 5.89 20.40
C PRO B 40 3.94 7.02 19.65
N ASN B 41 4.10 7.08 18.33
CA ASN B 41 3.46 8.11 17.53
C ASN B 41 1.98 7.87 17.33
N LYS B 42 1.64 6.75 16.69
CA LYS B 42 0.25 6.41 16.40
C LYS B 42 -0.43 5.73 17.58
N ALA B 43 -1.21 6.50 18.34
CA ALA B 43 -2.04 5.94 19.39
C ALA B 43 -3.38 5.53 18.79
N GLY B 44 -3.75 4.27 18.97
CA GLY B 44 -4.96 3.75 18.35
C GLY B 44 -6.23 4.06 19.11
N MET B 45 -7.17 3.14 19.07
CA MET B 45 -8.44 3.26 19.78
C MET B 45 -8.31 2.82 21.23
N PHE B 46 -7.66 1.67 21.44
CA PHE B 46 -7.54 1.10 22.78
C PHE B 46 -6.14 1.27 23.35
N THR B 47 -6.07 1.47 24.66
CA THR B 47 -4.76 1.54 25.32
C THR B 47 -4.11 0.17 25.28
N VAL B 48 -2.79 0.13 25.47
CA VAL B 48 -2.07 -1.13 25.53
C VAL B 48 -2.66 -2.05 26.59
N ASP B 49 -3.01 -1.49 27.74
CA ASP B 49 -3.57 -2.32 28.80
C ASP B 49 -4.92 -2.87 28.38
N GLU B 50 -5.71 -2.06 27.69
CA GLU B 50 -7.02 -2.50 27.23
C GLU B 50 -6.87 -3.63 26.21
N ARG B 51 -5.89 -3.49 25.31
CA ARG B 51 -5.66 -4.51 24.28
C ARG B 51 -5.21 -5.83 24.90
N ILE B 52 -4.30 -5.75 25.87
CA ILE B 52 -3.83 -6.95 26.59
C ILE B 52 -4.99 -7.64 27.29
N GLU B 53 -5.85 -6.85 27.95
CA GLU B 53 -7.00 -7.42 28.65
C GLU B 53 -7.95 -8.13 27.70
N MET B 54 -8.20 -7.51 26.54
CA MET B 54 -9.06 -8.10 25.54
C MET B 54 -8.49 -9.41 25.00
N ILE B 55 -7.18 -9.46 24.79
CA ILE B 55 -6.54 -10.69 24.32
C ILE B 55 -6.61 -11.78 25.39
N ARG B 56 -6.35 -11.40 26.63
CA ARG B 56 -6.42 -12.36 27.74
C ARG B 56 -7.80 -12.95 27.92
N GLU B 57 -8.83 -12.11 27.81
CA GLU B 57 -10.20 -12.61 27.89
C GLU B 57 -10.46 -13.64 26.79
N SER B 58 -9.95 -13.36 25.59
CA SER B 58 -10.22 -14.18 24.42
C SER B 58 -9.42 -15.47 24.40
N THR B 59 -8.32 -15.50 25.16
CA THR B 59 -7.41 -16.65 25.14
C THR B 59 -7.38 -17.37 26.48
N ALA B 60 -8.46 -17.24 27.23
CA ALA B 60 -8.52 -17.82 28.58
C ALA B 60 -8.30 -19.33 28.58
N ASP B 61 -8.66 -20.02 27.50
CA ASP B 61 -8.52 -21.47 27.49
CA ASP B 61 -8.55 -21.48 27.40
C ASP B 61 -7.20 -21.93 26.89
N LEU B 62 -6.25 -21.00 26.72
CA LEU B 62 -4.93 -21.34 26.20
C LEU B 62 -3.85 -21.17 27.26
N PRO B 63 -3.60 -22.23 28.05
CA PRO B 63 -2.70 -22.06 29.22
C PRO B 63 -1.25 -21.81 28.86
N ASN B 64 -0.84 -22.17 27.64
CA ASN B 64 0.54 -22.02 27.23
C ASN B 64 0.79 -20.75 26.42
N LEU B 65 -0.21 -19.88 26.38
CA LEU B 65 -0.11 -18.60 25.69
C LEU B 65 -0.16 -17.48 26.71
N ARG B 66 0.77 -16.53 26.60
CA ARG B 66 0.71 -15.34 27.45
C ARG B 66 0.80 -14.10 26.59
N VAL B 67 0.41 -12.97 27.17
CA VAL B 67 0.30 -11.71 26.44
C VAL B 67 1.21 -10.66 27.07
N GLU B 68 2.05 -10.05 26.24
CA GLU B 68 2.99 -9.04 26.73
C GLU B 68 3.07 -7.88 25.74
N SER B 69 3.36 -6.68 26.25
CA SER B 69 3.58 -5.55 25.37
C SER B 69 5.04 -5.43 25.01
N GLY B 70 5.32 -4.73 23.92
CA GLY B 70 6.68 -4.53 23.50
C GLY B 70 6.82 -3.30 22.63
N GLN B 71 8.05 -2.82 22.54
CA GLN B 71 8.38 -1.72 21.65
C GLN B 71 9.68 -2.06 20.94
N GLY B 72 9.94 -1.40 19.83
CA GLY B 72 11.19 -1.61 19.12
C GLY B 72 11.19 -2.84 18.24
N LEU B 73 12.37 -3.44 18.10
CA LEU B 73 12.62 -4.50 17.12
C LEU B 73 11.91 -5.79 17.52
N LEU B 74 11.07 -6.30 16.63
CA LEU B 74 10.35 -7.54 16.94
C LEU B 74 11.33 -8.68 17.22
N VAL B 75 12.42 -8.78 16.46
CA VAL B 75 13.34 -9.88 16.66
C VAL B 75 14.02 -9.80 18.02
N ASP B 76 14.13 -8.59 18.58
CA ASP B 76 14.70 -8.45 19.91
C ASP B 76 13.71 -8.95 20.95
N PHE B 77 12.44 -8.59 20.78
CA PHE B 77 11.36 -9.12 21.64
C PHE B 77 11.41 -10.64 21.66
N VAL B 78 11.58 -11.24 20.49
CA VAL B 78 11.60 -12.70 20.37
C VAL B 78 12.82 -13.33 21.03
N ARG B 79 14.00 -12.80 20.72
CA ARG B 79 15.25 -13.37 21.21
C ARG B 79 15.43 -13.16 22.72
N GLU B 80 14.93 -12.03 23.22
CA GLU B 80 15.01 -11.72 24.65
C GLU B 80 14.26 -12.74 25.48
N ARG B 81 13.31 -13.42 24.86
CA ARG B 81 12.50 -14.43 25.55
C ARG B 81 12.96 -15.86 25.23
N GLY B 82 14.15 -15.95 24.65
CA GLY B 82 14.78 -17.24 24.40
C GLY B 82 14.17 -18.02 23.24
N LEU B 83 13.44 -17.32 22.37
CA LEU B 83 12.82 -17.96 21.22
C LEU B 83 13.42 -17.43 19.93
N ASN B 84 13.06 -18.08 18.82
CA ASN B 84 13.50 -17.57 17.52
CA ASN B 84 13.59 -17.79 17.52
C ASN B 84 12.56 -17.95 16.40
N ALA B 85 11.27 -17.89 16.73
CA ALA B 85 10.19 -18.09 15.77
C ALA B 85 9.06 -17.10 15.98
N ILE B 86 8.51 -16.66 14.85
CA ILE B 86 7.35 -15.80 14.77
C ILE B 86 6.26 -16.58 14.05
N VAL B 87 5.02 -16.50 14.53
CA VAL B 87 3.90 -17.02 13.76
C VAL B 87 3.00 -15.86 13.38
N LYS B 88 2.81 -15.66 12.07
CA LYS B 88 2.02 -14.55 11.58
C LYS B 88 0.83 -15.03 10.75
N GLY B 89 -0.34 -14.45 10.98
CA GLY B 89 -1.51 -14.85 10.23
C GLY B 89 -1.64 -14.16 8.89
N LEU B 90 -2.25 -14.87 7.95
CA LEU B 90 -2.60 -14.35 6.64
C LEU B 90 -4.12 -14.23 6.50
N ARG B 91 -4.58 -13.11 5.95
CA ARG B 91 -6.01 -12.92 5.72
C ARG B 91 -6.18 -12.28 4.35
N THR B 92 -7.41 -12.15 3.91
CA THR B 92 -7.69 -11.39 2.68
C THR B 92 -7.30 -9.95 2.94
N GLY B 93 -6.44 -9.39 2.10
CA GLY B 93 -5.98 -8.04 2.34
C GLY B 93 -4.62 -7.95 3.00
N THR B 94 -4.03 -9.08 3.38
CA THR B 94 -2.66 -9.05 3.87
C THR B 94 -1.72 -8.61 2.76
N ASP B 95 -0.81 -7.69 3.09
CA ASP B 95 0.24 -7.34 2.13
C ASP B 95 1.33 -8.42 2.24
N PHE B 96 1.16 -9.51 1.50
CA PHE B 96 2.03 -10.66 1.71
C PHE B 96 3.43 -10.37 1.23
N GLU B 97 3.55 -9.56 0.19
CA GLU B 97 4.88 -9.23 -0.32
C GLU B 97 5.70 -8.49 0.73
N TYR B 98 5.04 -7.60 1.48
CA TYR B 98 5.76 -6.90 2.54
C TYR B 98 6.07 -7.86 3.70
N GLU B 99 5.14 -8.75 4.04
CA GLU B 99 5.39 -9.75 5.07
C GLU B 99 6.59 -10.61 4.70
N LEU B 100 6.71 -10.96 3.42
CA LEU B 100 7.85 -11.75 2.99
C LEU B 100 9.15 -10.97 3.14
N GLN B 101 9.13 -9.70 2.76
CA GLN B 101 10.29 -8.86 2.92
C GLN B 101 10.75 -8.79 4.38
N MET B 102 9.79 -8.56 5.28
CA MET B 102 10.12 -8.50 6.70
C MET B 102 10.62 -9.85 7.22
N ALA B 103 10.00 -10.95 6.77
CA ALA B 103 10.46 -12.27 7.19
C ALA B 103 11.92 -12.50 6.79
N GLN B 104 12.28 -12.13 5.56
CA GLN B 104 13.66 -12.34 5.12
C GLN B 104 14.60 -11.40 5.86
N MET B 105 14.17 -10.16 6.11
CA MET B 105 14.97 -9.25 6.91
C MET B 105 15.19 -9.77 8.32
N ASN B 106 14.12 -10.27 8.93
CA ASN B 106 14.20 -10.73 10.31
C ASN B 106 15.07 -11.99 10.46
N LYS B 107 15.05 -12.86 9.46
CA LYS B 107 15.95 -14.02 9.46
C LYS B 107 17.40 -13.55 9.32
N HIS B 108 17.63 -12.58 8.42
CA HIS B 108 18.98 -12.09 8.21
C HIS B 108 19.59 -11.41 9.43
N ILE B 109 18.84 -10.52 10.06
CA ILE B 109 19.43 -9.72 11.15
C ILE B 109 19.46 -10.45 12.49
N ALA B 110 18.69 -11.52 12.65
CA ALA B 110 18.62 -12.15 13.98
C ALA B 110 18.43 -13.65 13.98
N GLY B 111 18.35 -14.27 12.81
CA GLY B 111 18.19 -15.72 12.76
C GLY B 111 16.81 -16.23 13.14
N VAL B 112 15.83 -15.34 13.20
CA VAL B 112 14.46 -15.68 13.59
C VAL B 112 13.66 -16.13 12.36
N ASP B 113 12.97 -17.27 12.50
CA ASP B 113 12.13 -17.83 11.45
C ASP B 113 10.73 -17.26 11.55
N THR B 114 10.07 -17.12 10.41
CA THR B 114 8.68 -16.72 10.39
C THR B 114 7.82 -17.76 9.71
N PHE B 115 6.81 -18.24 10.45
CA PHE B 115 5.85 -19.17 9.89
C PHE B 115 4.52 -18.49 9.68
N PHE B 116 3.98 -18.61 8.47
CA PHE B 116 2.71 -18.01 8.12
C PHE B 116 1.60 -19.03 8.12
N VAL B 117 0.45 -18.66 8.66
CA VAL B 117 -0.71 -19.54 8.62
C VAL B 117 -1.93 -18.73 8.22
N ALA B 118 -2.71 -19.26 7.29
CA ALA B 118 -3.93 -18.57 6.86
C ALA B 118 -5.02 -18.74 7.89
N THR B 119 -5.72 -17.65 8.19
CA THR B 119 -6.82 -17.77 9.12
C THR B 119 -7.99 -18.46 8.41
N ALA B 120 -8.91 -19.00 9.21
CA ALA B 120 -10.08 -19.68 8.68
C ALA B 120 -10.86 -18.77 7.76
N PRO B 121 -11.50 -19.37 6.74
CA PRO B 121 -12.28 -18.56 5.78
C PRO B 121 -13.28 -17.63 6.45
N ALA B 122 -13.97 -18.09 7.50
CA ALA B 122 -14.98 -17.28 8.15
C ALA B 122 -14.40 -15.99 8.73
N TYR B 123 -13.13 -16.01 9.11
CA TYR B 123 -12.50 -14.88 9.76
C TYR B 123 -11.48 -14.19 8.86
N SER B 124 -11.54 -14.51 7.56
CA SER B 124 -10.51 -14.08 6.62
C SER B 124 -10.66 -12.67 6.08
N PHE B 125 -11.78 -12.01 6.35
CA PHE B 125 -11.96 -10.67 5.81
C PHE B 125 -12.06 -9.61 6.90
N VAL B 126 -11.95 -10.01 8.14
CA VAL B 126 -11.97 -9.04 9.20
C VAL B 126 -10.54 -8.54 9.47
N SER B 127 -10.44 -7.29 9.85
CA SER B 127 -9.19 -6.71 10.26
C SER B 127 -9.55 -5.73 11.37
N SER B 128 -8.59 -5.39 12.22
CA SER B 128 -8.85 -4.41 13.27
C SER B 128 -9.37 -3.10 12.69
N SER B 129 -8.69 -2.61 11.66
CA SER B 129 -9.05 -1.32 11.06
CA SER B 129 -9.05 -1.32 11.07
C SER B 129 -10.43 -1.36 10.40
N LEU B 130 -10.70 -2.42 9.65
CA LEU B 130 -11.97 -2.48 8.93
C LEU B 130 -13.13 -2.73 9.90
N ALA B 131 -12.89 -3.51 10.97
CA ALA B 131 -13.92 -3.69 11.99
C ALA B 131 -14.30 -2.37 12.65
N LYS B 132 -13.30 -1.59 13.04
CA LYS B 132 -13.55 -0.29 13.64
C LYS B 132 -14.32 0.61 12.68
N GLU B 133 -13.91 0.62 11.41
CA GLU B 133 -14.55 1.48 10.42
C GLU B 133 -16.01 1.12 10.23
N VAL B 134 -16.30 -0.18 10.09
CA VAL B 134 -17.67 -0.63 9.91
C VAL B 134 -18.51 -0.33 11.15
N ALA B 135 -17.96 -0.60 12.33
CA ALA B 135 -18.69 -0.38 13.59
C ALA B 135 -18.98 1.11 13.80
N THR B 136 -18.04 1.96 13.44
CA THR B 136 -18.19 3.42 13.56
C THR B 136 -19.45 3.93 12.88
N TYR B 137 -19.83 3.30 11.77
CA TYR B 137 -21.02 3.74 11.04
C TYR B 137 -22.21 2.83 11.27
N GLY B 138 -22.15 2.07 12.36
CA GLY B 138 -23.28 1.27 12.80
C GLY B 138 -23.42 -0.09 12.13
N GLY B 139 -22.40 -0.50 11.39
CA GLY B 139 -22.39 -1.84 10.83
C GLY B 139 -22.13 -2.88 11.90
N ASP B 140 -22.68 -4.07 11.72
CA ASP B 140 -22.61 -5.13 12.72
C ASP B 140 -21.49 -6.13 12.45
N VAL B 141 -20.42 -6.03 13.25
CA VAL B 141 -19.28 -6.92 13.12
C VAL B 141 -19.16 -7.89 14.30
N SER B 142 -20.28 -8.15 14.97
CA SER B 142 -20.26 -8.96 16.18
C SER B 142 -19.89 -10.42 15.94
N ALA B 143 -20.06 -10.91 14.71
CA ALA B 143 -19.74 -12.29 14.39
C ALA B 143 -18.25 -12.45 14.09
N LEU B 144 -17.56 -11.32 14.09
CA LEU B 144 -16.18 -11.25 13.65
C LEU B 144 -15.19 -10.96 14.78
N LEU B 145 -15.74 -10.68 15.97
CA LEU B 145 -14.93 -10.28 17.12
C LEU B 145 -15.33 -11.12 18.32
N PRO B 146 -14.39 -11.30 19.27
CA PRO B 146 -14.78 -11.92 20.55
C PRO B 146 -15.88 -11.09 21.21
N ALA B 147 -16.77 -11.73 21.97
CA ALA B 147 -17.93 -11.04 22.52
C ALA B 147 -17.53 -9.87 23.41
N SER B 148 -16.48 -10.07 24.19
CA SER B 148 -16.01 -9.05 25.13
C SER B 148 -15.40 -7.87 24.40
N VAL B 149 -14.82 -8.13 23.23
CA VAL B 149 -14.25 -7.07 22.42
C VAL B 149 -15.36 -6.21 21.82
N HIS B 150 -16.39 -6.86 21.29
CA HIS B 150 -17.50 -6.16 20.67
C HIS B 150 -18.19 -5.25 21.70
N GLN B 151 -18.34 -5.75 22.92
CA GLN B 151 -18.89 -4.98 24.01
C GLN B 151 -18.08 -3.70 24.26
N ARG B 152 -16.76 -3.84 24.34
CA ARG B 152 -15.88 -2.69 24.56
C ARG B 152 -15.86 -1.72 23.39
N LEU B 153 -15.99 -2.25 22.18
CA LEU B 153 -15.93 -1.43 20.97
C LEU B 153 -17.12 -0.47 20.93
N LEU B 154 -18.30 -0.98 21.25
CA LEU B 154 -19.51 -0.17 21.32
C LEU B 154 -19.35 0.95 22.34
N GLY B 155 -18.69 0.65 23.45
CA GLY B 155 -18.45 1.62 24.50
C GLY B 155 -17.56 2.77 24.05
N LYS B 156 -16.48 2.46 23.34
CA LYS B 156 -15.56 3.49 22.89
C LYS B 156 -16.15 4.32 21.75
N LEU B 157 -17.25 3.85 21.18
CA LEU B 157 -17.93 4.58 20.12
C LEU B 157 -19.07 5.45 20.67
N ARG B 158 -19.64 5.03 21.79
CA ARG B 158 -20.71 5.79 22.44
C ARG B 158 -20.15 6.95 23.27
N MET C 2 -36.31 -4.89 -12.78
CA MET C 2 -35.91 -3.79 -11.90
C MET C 2 -34.52 -4.03 -11.30
N THR C 3 -33.54 -4.29 -12.15
CA THR C 3 -32.18 -4.53 -11.70
C THR C 3 -31.43 -3.21 -11.50
N GLY C 4 -30.35 -3.26 -10.73
CA GLY C 4 -29.60 -2.05 -10.45
C GLY C 4 -28.27 -2.28 -9.77
N ALA C 5 -27.36 -1.34 -9.93
CA ALA C 5 -26.06 -1.42 -9.28
C ALA C 5 -25.53 -0.04 -8.96
N VAL C 6 -24.65 0.03 -7.98
CA VAL C 6 -24.00 1.28 -7.60
C VAL C 6 -22.52 1.23 -7.98
N CYS C 7 -22.04 2.29 -8.62
CA CYS C 7 -20.63 2.45 -8.97
C CYS C 7 -19.98 3.49 -8.06
N PRO C 8 -19.17 3.05 -7.10
CA PRO C 8 -18.61 3.94 -6.08
C PRO C 8 -17.21 4.43 -6.41
N GLY C 9 -16.86 5.57 -5.83
CA GLY C 9 -15.53 6.13 -5.98
C GLY C 9 -15.46 7.52 -5.39
N SER C 10 -14.27 8.10 -5.42
CA SER C 10 -14.11 9.50 -5.02
C SER C 10 -14.17 10.41 -6.25
N PHE C 11 -13.75 9.88 -7.40
CA PHE C 11 -13.86 10.54 -8.70
C PHE C 11 -13.34 11.98 -8.66
N ASP C 12 -12.08 12.13 -8.29
CA ASP C 12 -11.48 13.45 -8.10
C ASP C 12 -10.26 13.67 -9.02
N PRO C 13 -10.48 13.77 -10.33
CA PRO C 13 -11.77 13.74 -11.04
C PRO C 13 -12.07 12.39 -11.67
N VAL C 14 -13.29 12.27 -12.19
CA VAL C 14 -13.68 11.13 -13.01
C VAL C 14 -12.76 11.00 -14.23
N THR C 15 -12.33 9.78 -14.52
CA THR C 15 -11.49 9.49 -15.68
C THR C 15 -12.25 8.71 -16.73
N LEU C 16 -11.63 8.49 -17.88
CA LEU C 16 -12.25 7.65 -18.91
C LEU C 16 -12.26 6.18 -18.48
N GLY C 17 -11.37 5.83 -17.56
CA GLY C 17 -11.41 4.50 -16.93
C GLY C 17 -12.71 4.31 -16.17
N HIS C 18 -13.08 5.29 -15.37
CA HIS C 18 -14.33 5.28 -14.64
C HIS C 18 -15.51 5.26 -15.62
N LEU C 19 -15.47 6.15 -16.61
CA LEU C 19 -16.57 6.26 -17.56
C LEU C 19 -16.83 4.95 -18.30
N ASP C 20 -15.75 4.25 -18.67
CA ASP C 20 -15.87 2.95 -19.33
C ASP C 20 -16.68 1.99 -18.45
N VAL C 21 -16.35 1.96 -17.17
CA VAL C 21 -17.06 1.10 -16.24
C VAL C 21 -18.53 1.52 -16.08
N PHE C 22 -18.78 2.84 -15.95
CA PHE C 22 -20.15 3.35 -15.89
C PHE C 22 -20.97 2.87 -17.07
N GLU C 23 -20.38 2.96 -18.26
CA GLU C 23 -21.05 2.59 -19.51
C GLU C 23 -21.40 1.11 -19.53
N ARG C 24 -20.50 0.28 -19.03
CA ARG C 24 -20.77 -1.16 -19.01
C ARG C 24 -21.84 -1.47 -17.99
N ALA C 25 -21.75 -0.84 -16.82
CA ALA C 25 -22.77 -1.01 -15.79
C ALA C 25 -24.13 -0.58 -16.31
N ALA C 26 -24.17 0.58 -16.97
CA ALA C 26 -25.42 1.10 -17.52
C ALA C 26 -25.99 0.20 -18.61
N ALA C 27 -25.12 -0.53 -19.30
CA ALA C 27 -25.52 -1.44 -20.37
C ALA C 27 -26.09 -2.76 -19.85
N GLN C 28 -25.78 -3.11 -18.60
CA GLN C 28 -26.10 -4.45 -18.11
C GLN C 28 -27.07 -4.44 -16.93
N PHE C 29 -27.36 -3.27 -16.38
CA PHE C 29 -28.33 -3.13 -15.30
C PHE C 29 -29.37 -2.07 -15.66
N ASP C 30 -30.61 -2.25 -15.22
CA ASP C 30 -31.67 -1.30 -15.56
C ASP C 30 -31.38 0.10 -15.03
N GLU C 31 -30.76 0.15 -13.85
CA GLU C 31 -30.55 1.40 -13.13
C GLU C 31 -29.15 1.43 -12.55
N VAL C 32 -28.43 2.52 -12.76
CA VAL C 32 -27.10 2.67 -12.16
C VAL C 32 -27.01 3.97 -11.38
N ILE C 33 -26.44 3.89 -10.18
CA ILE C 33 -26.18 5.08 -9.38
C ILE C 33 -24.69 5.21 -9.16
N VAL C 34 -24.12 6.33 -9.61
CA VAL C 34 -22.73 6.63 -9.29
C VAL C 34 -22.68 7.28 -7.92
N ALA C 35 -21.97 6.65 -6.98
CA ALA C 35 -21.86 7.15 -5.63
C ALA C 35 -20.56 7.90 -5.44
N VAL C 36 -20.66 9.23 -5.32
CA VAL C 36 -19.48 10.04 -5.04
C VAL C 36 -19.27 10.09 -3.54
N LEU C 37 -18.34 9.27 -3.05
CA LEU C 37 -18.14 9.16 -1.61
C LEU C 37 -17.18 10.23 -1.12
N ILE C 38 -17.68 11.09 -0.23
CA ILE C 38 -16.91 12.22 0.29
C ILE C 38 -16.13 11.82 1.54
N ASN C 39 -14.94 12.40 1.68
CA ASN C 39 -14.01 12.04 2.75
C ASN C 39 -14.06 12.98 3.95
N PRO C 40 -13.42 12.58 5.07
CA PRO C 40 -13.16 13.50 6.18
C PRO C 40 -11.74 14.02 6.09
N ASN C 41 -11.39 14.59 4.94
CA ASN C 41 -10.01 14.71 4.44
C ASN C 41 -9.55 13.34 3.96
N LYS C 42 -8.80 13.28 2.85
CA LYS C 42 -8.34 14.47 2.14
C LYS C 42 -9.43 15.15 1.31
N ALA C 43 -9.67 16.43 1.59
CA ALA C 43 -10.40 17.27 0.69
C ALA C 43 -9.63 17.23 -0.62
N GLY C 44 -10.32 16.91 -1.70
CA GLY C 44 -9.63 16.68 -2.95
C GLY C 44 -9.22 17.94 -3.67
N MET C 45 -9.08 17.82 -4.98
CA MET C 45 -8.85 18.96 -5.85
C MET C 45 -10.18 19.60 -6.19
N PHE C 46 -11.19 18.76 -6.38
CA PHE C 46 -12.53 19.22 -6.74
C PHE C 46 -13.50 19.06 -5.58
N THR C 47 -14.44 19.99 -5.47
CA THR C 47 -15.51 19.86 -4.47
C THR C 47 -16.49 18.80 -4.93
N VAL C 48 -17.32 18.33 -4.00
CA VAL C 48 -18.29 17.29 -4.32
C VAL C 48 -19.22 17.72 -5.46
N ASP C 49 -19.71 18.95 -5.44
CA ASP C 49 -20.56 19.44 -6.51
C ASP C 49 -19.84 19.44 -7.86
N GLU C 50 -18.56 19.80 -7.85
CA GLU C 50 -17.77 19.80 -9.07
C GLU C 50 -17.61 18.37 -9.61
N ARG C 51 -17.28 17.45 -8.71
CA ARG C 51 -17.12 16.04 -9.10
C ARG C 51 -18.41 15.51 -9.71
N ILE C 52 -19.53 15.84 -9.07
CA ILE C 52 -20.83 15.40 -9.55
C ILE C 52 -21.16 15.96 -10.93
N GLU C 53 -20.95 17.26 -11.11
CA GLU C 53 -21.22 17.88 -12.39
C GLU C 53 -20.35 17.27 -13.50
N MET C 54 -19.07 17.05 -13.20
CA MET C 54 -18.16 16.47 -14.19
C MET C 54 -18.61 15.06 -14.62
N ILE C 55 -19.10 14.28 -13.67
CA ILE C 55 -19.64 12.97 -13.99
C ILE C 55 -20.94 13.09 -14.80
N ARG C 56 -21.83 13.96 -14.35
CA ARG C 56 -23.09 14.21 -15.05
C ARG C 56 -22.83 14.66 -16.49
N GLU C 57 -21.90 15.59 -16.66
CA GLU C 57 -21.52 16.05 -17.99
C GLU C 57 -21.03 14.92 -18.89
N SER C 58 -20.28 13.99 -18.31
CA SER C 58 -19.65 12.93 -19.10
C SER C 58 -20.56 11.73 -19.34
N THR C 59 -21.69 11.67 -18.62
CA THR C 59 -22.61 10.54 -18.77
C THR C 59 -23.98 10.95 -19.33
N ALA C 60 -24.03 12.07 -20.04
CA ALA C 60 -25.30 12.57 -20.56
C ALA C 60 -25.98 11.58 -21.51
N ASP C 61 -25.19 10.71 -22.12
CA ASP C 61 -25.72 9.72 -23.06
C ASP C 61 -26.15 8.42 -22.37
N LEU C 62 -26.17 8.42 -21.04
CA LEU C 62 -26.62 7.25 -20.28
C LEU C 62 -27.87 7.62 -19.47
N PRO C 63 -29.05 7.41 -20.06
CA PRO C 63 -30.32 7.86 -19.47
C PRO C 63 -30.66 7.15 -18.17
N ASN C 64 -30.16 5.94 -17.99
CA ASN C 64 -30.50 5.15 -16.80
C ASN C 64 -29.44 5.27 -15.70
N LEU C 65 -28.56 6.25 -15.82
CA LEU C 65 -27.56 6.51 -14.80
C LEU C 65 -27.81 7.85 -14.11
N ARG C 66 -27.69 7.87 -12.79
CA ARG C 66 -27.73 9.12 -12.04
C ARG C 66 -26.55 9.21 -11.07
N VAL C 67 -26.32 10.41 -10.56
CA VAL C 67 -25.14 10.69 -9.76
C VAL C 67 -25.51 11.33 -8.43
N GLU C 68 -25.06 10.72 -7.34
CA GLU C 68 -25.38 11.21 -6.02
C GLU C 68 -24.16 11.13 -5.11
N SER C 69 -24.09 12.04 -4.14
CA SER C 69 -23.02 12.00 -3.16
C SER C 69 -23.43 11.12 -2.00
N GLY C 70 -22.43 10.62 -1.27
CA GLY C 70 -22.71 9.79 -0.12
C GLY C 70 -21.65 9.92 0.95
N GLN C 71 -22.06 9.66 2.20
CA GLN C 71 -21.17 9.56 3.33
C GLN C 71 -21.51 8.26 4.06
N GLY C 72 -20.61 7.81 4.94
CA GLY C 72 -20.86 6.60 5.69
C GLY C 72 -20.69 5.33 4.86
N LEU C 73 -21.20 4.22 5.36
CA LEU C 73 -20.99 2.93 4.71
C LEU C 73 -21.58 2.89 3.31
N LEU C 74 -20.79 2.40 2.36
CA LEU C 74 -21.27 2.20 1.00
C LEU C 74 -22.48 1.28 0.96
N VAL C 75 -22.50 0.25 1.81
CA VAL C 75 -23.62 -0.68 1.76
C VAL C 75 -24.92 0.00 2.15
N ASP C 76 -24.86 0.99 3.05
CA ASP C 76 -26.06 1.74 3.43
C ASP C 76 -26.52 2.58 2.25
N PHE C 77 -25.59 3.19 1.54
CA PHE C 77 -25.91 3.94 0.32
C PHE C 77 -26.66 3.07 -0.67
N VAL C 78 -26.15 1.85 -0.86
CA VAL C 78 -26.73 0.91 -1.79
C VAL C 78 -28.12 0.46 -1.33
N ARG C 79 -28.21 0.00 -0.08
CA ARG C 79 -29.44 -0.58 0.47
C ARG C 79 -30.56 0.46 0.63
N GLU C 80 -30.22 1.69 1.00
CA GLU C 80 -31.22 2.77 1.14
C GLU C 80 -31.84 3.16 -0.19
N ARG C 81 -31.28 2.67 -1.29
CA ARG C 81 -31.83 2.91 -2.61
C ARG C 81 -32.47 1.66 -3.22
N GLY C 82 -32.70 0.64 -2.38
CA GLY C 82 -33.36 -0.58 -2.80
C GLY C 82 -32.52 -1.54 -3.60
N LEU C 83 -31.21 -1.32 -3.64
CA LEU C 83 -30.33 -2.19 -4.39
C LEU C 83 -29.45 -3.01 -3.48
N ASN C 84 -28.77 -4.00 -4.04
CA ASN C 84 -27.75 -4.75 -3.29
C ASN C 84 -26.64 -5.26 -4.20
N ALA C 85 -26.24 -4.41 -5.15
CA ALA C 85 -25.11 -4.74 -6.00
C ALA C 85 -24.22 -3.50 -6.18
N ILE C 86 -22.91 -3.75 -6.14
CA ILE C 86 -21.88 -2.77 -6.43
C ILE C 86 -21.17 -3.21 -7.69
N VAL C 87 -20.88 -2.27 -8.60
CA VAL C 87 -20.01 -2.58 -9.73
C VAL C 87 -18.74 -1.76 -9.59
N LYS C 88 -17.60 -2.45 -9.48
CA LYS C 88 -16.32 -1.79 -9.23
C LYS C 88 -15.34 -2.09 -10.35
N GLY C 89 -14.66 -1.06 -10.85
CA GLY C 89 -13.73 -1.28 -11.95
C GLY C 89 -12.35 -1.70 -11.47
N LEU C 90 -11.65 -2.44 -12.33
CA LEU C 90 -10.28 -2.86 -12.09
C LEU C 90 -9.39 -2.16 -13.10
N ARG C 91 -8.24 -1.67 -12.63
CA ARG C 91 -7.24 -1.07 -13.51
C ARG C 91 -5.87 -1.54 -13.08
N THR C 92 -4.85 -1.21 -13.87
CA THR C 92 -3.47 -1.46 -13.45
C THR C 92 -3.21 -0.59 -12.22
N GLY C 93 -2.82 -1.23 -11.13
CA GLY C 93 -2.59 -0.51 -9.88
C GLY C 93 -3.73 -0.60 -8.88
N THR C 94 -4.82 -1.26 -9.25
CA THR C 94 -5.89 -1.55 -8.27
C THR C 94 -5.33 -2.46 -7.18
N ASP C 95 -5.62 -2.13 -5.93
CA ASP C 95 -5.30 -3.01 -4.80
C ASP C 95 -6.42 -4.04 -4.70
N PHE C 96 -6.31 -5.11 -5.49
CA PHE C 96 -7.41 -6.04 -5.64
C PHE C 96 -7.62 -6.81 -4.35
N GLU C 97 -6.53 -7.09 -3.63
CA GLU C 97 -6.64 -7.83 -2.37
C GLU C 97 -7.50 -7.05 -1.37
N TYR C 98 -7.28 -5.75 -1.28
CA TYR C 98 -8.12 -4.94 -0.41
C TYR C 98 -9.56 -4.89 -0.93
N GLU C 99 -9.76 -4.75 -2.24
CA GLU C 99 -11.11 -4.75 -2.79
C GLU C 99 -11.86 -6.05 -2.45
N LEU C 100 -11.15 -7.17 -2.52
CA LEU C 100 -11.75 -8.47 -2.17
C LEU C 100 -12.13 -8.49 -0.69
N GLN C 101 -11.27 -7.95 0.16
CA GLN C 101 -11.58 -7.92 1.59
C GLN C 101 -12.86 -7.12 1.84
N MET C 102 -12.96 -5.95 1.19
CA MET C 102 -14.13 -5.11 1.35
C MET C 102 -15.37 -5.76 0.78
N ALA C 103 -15.22 -6.46 -0.34
CA ALA C 103 -16.34 -7.16 -0.95
C ALA C 103 -16.89 -8.22 0.00
N GLN C 104 -16.00 -9.00 0.60
CA GLN C 104 -16.48 -10.06 1.51
C GLN C 104 -17.10 -9.43 2.77
N MET C 105 -16.52 -8.36 3.28
CA MET C 105 -17.10 -7.65 4.42
C MET C 105 -18.47 -7.10 4.06
N ASN C 106 -18.58 -6.45 2.91
CA ASN C 106 -19.84 -5.83 2.51
C ASN C 106 -20.97 -6.86 2.31
N LYS C 107 -20.63 -8.04 1.78
CA LYS C 107 -21.60 -9.13 1.66
C LYS C 107 -22.02 -9.62 3.03
N HIS C 108 -21.05 -9.70 3.94
CA HIS C 108 -21.33 -10.19 5.30
C HIS C 108 -22.29 -9.25 6.04
N ILE C 109 -22.02 -7.95 6.01
CA ILE C 109 -22.76 -7.06 6.89
C ILE C 109 -24.09 -6.58 6.31
N ALA C 110 -24.26 -6.69 4.99
CA ALA C 110 -25.45 -6.13 4.35
C ALA C 110 -26.01 -6.94 3.17
N GLY C 111 -25.41 -8.08 2.85
CA GLY C 111 -25.90 -8.91 1.76
C GLY C 111 -25.75 -8.29 0.39
N VAL C 112 -24.81 -7.35 0.28
CA VAL C 112 -24.55 -6.66 -0.99
C VAL C 112 -23.45 -7.38 -1.75
N ASP C 113 -23.72 -7.70 -3.02
CA ASP C 113 -22.76 -8.34 -3.93
C ASP C 113 -21.88 -7.29 -4.57
N THR C 114 -20.64 -7.67 -4.85
CA THR C 114 -19.74 -6.80 -5.61
C THR C 114 -19.30 -7.49 -6.88
N PHE C 115 -19.53 -6.83 -8.02
CA PHE C 115 -19.10 -7.35 -9.30
C PHE C 115 -17.93 -6.52 -9.80
N PHE C 116 -16.83 -7.18 -10.12
CA PHE C 116 -15.65 -6.46 -10.64
C PHE C 116 -15.57 -6.57 -12.14
N VAL C 117 -15.21 -5.48 -12.82
CA VAL C 117 -15.02 -5.52 -14.26
C VAL C 117 -13.76 -4.74 -14.63
N ALA C 118 -12.92 -5.34 -15.46
CA ALA C 118 -11.69 -4.66 -15.90
C ALA C 118 -12.00 -3.57 -16.91
N THR C 119 -11.44 -2.39 -16.69
CA THR C 119 -11.61 -1.30 -17.64
C THR C 119 -10.83 -1.62 -18.92
N ALA C 120 -11.19 -0.95 -20.01
CA ALA C 120 -10.55 -1.15 -21.30
C ALA C 120 -9.04 -0.93 -21.20
N PRO C 121 -8.26 -1.71 -21.97
CA PRO C 121 -6.81 -1.56 -21.92
C PRO C 121 -6.33 -0.10 -22.13
N ALA C 122 -6.99 0.62 -23.03
CA ALA C 122 -6.58 2.01 -23.30
C ALA C 122 -6.67 2.90 -22.07
N TYR C 123 -7.58 2.56 -21.16
CA TYR C 123 -7.84 3.39 -19.99
C TYR C 123 -7.36 2.69 -18.71
N SER C 124 -6.51 1.68 -18.87
CA SER C 124 -6.18 0.80 -17.75
C SER C 124 -5.07 1.35 -16.86
N PHE C 125 -4.38 2.41 -17.29
CA PHE C 125 -3.28 2.93 -16.48
C PHE C 125 -3.54 4.36 -15.96
N VAL C 126 -4.70 4.92 -16.28
CA VAL C 126 -5.06 6.21 -15.69
C VAL C 126 -5.74 5.97 -14.34
N SER C 127 -5.46 6.86 -13.39
CA SER C 127 -6.17 6.93 -12.13
C SER C 127 -6.34 8.42 -11.85
N SER C 128 -7.26 8.77 -10.96
CA SER C 128 -7.46 10.18 -10.64
C SER C 128 -6.16 10.79 -10.10
N SER C 129 -5.48 10.08 -9.21
CA SER C 129 -4.27 10.60 -8.60
CA SER C 129 -4.27 10.60 -8.60
C SER C 129 -3.13 10.74 -9.60
N LEU C 130 -2.90 9.72 -10.41
CA LEU C 130 -1.78 9.79 -11.36
C LEU C 130 -2.03 10.84 -12.44
N ALA C 131 -3.29 11.00 -12.85
CA ALA C 131 -3.62 12.02 -13.84
C ALA C 131 -3.35 13.41 -13.29
N LYS C 132 -3.69 13.63 -12.03
CA LYS C 132 -3.44 14.93 -11.40
C LYS C 132 -1.95 15.19 -11.26
N GLU C 133 -1.20 14.18 -10.82
CA GLU C 133 0.26 14.29 -10.68
C GLU C 133 0.93 14.64 -12.01
N VAL C 134 0.59 13.89 -13.05
CA VAL C 134 1.20 14.10 -14.35
C VAL C 134 0.84 15.48 -14.91
N ALA C 135 -0.44 15.84 -14.81
CA ALA C 135 -0.90 17.12 -15.34
C ALA C 135 -0.24 18.29 -14.61
N THR C 136 -0.03 18.10 -13.32
CA THR C 136 0.60 19.12 -12.48
C THR C 136 1.98 19.49 -13.00
N TYR C 137 2.71 18.49 -13.49
CA TYR C 137 4.06 18.71 -13.99
C TYR C 137 4.13 18.83 -15.50
N GLY C 138 2.99 19.13 -16.12
CA GLY C 138 2.95 19.50 -17.52
C GLY C 138 2.72 18.37 -18.51
N GLY C 139 2.50 17.16 -18.01
CA GLY C 139 2.24 16.03 -18.88
C GLY C 139 0.83 16.07 -19.46
N ASP C 140 0.71 15.55 -20.68
CA ASP C 140 -0.55 15.58 -21.42
C ASP C 140 -1.39 14.34 -21.14
N VAL C 141 -2.43 14.54 -20.34
CA VAL C 141 -3.38 13.47 -20.02
C VAL C 141 -4.73 13.64 -20.73
N SER C 142 -4.75 14.46 -21.79
CA SER C 142 -6.00 14.76 -22.49
C SER C 142 -6.68 13.52 -23.11
N ALA C 143 -5.90 12.48 -23.42
CA ALA C 143 -6.47 11.28 -24.05
C ALA C 143 -7.13 10.37 -23.02
N LEU C 144 -6.98 10.72 -21.75
CA LEU C 144 -7.33 9.84 -20.63
C LEU C 144 -8.49 10.32 -19.78
N LEU C 145 -8.98 11.52 -20.08
CA LEU C 145 -10.04 12.16 -19.32
C LEU C 145 -11.11 12.66 -20.27
N PRO C 146 -12.36 12.75 -19.80
CA PRO C 146 -13.38 13.38 -20.64
C PRO C 146 -12.96 14.82 -20.96
N ALA C 147 -13.22 15.28 -22.19
CA ALA C 147 -12.74 16.58 -22.65
C ALA C 147 -13.12 17.68 -21.69
N SER C 148 -14.34 17.59 -21.15
CA SER C 148 -14.83 18.54 -20.16
C SER C 148 -13.94 18.57 -18.94
N VAL C 149 -13.75 17.41 -18.32
CA VAL C 149 -12.89 17.25 -17.15
C VAL C 149 -11.49 17.82 -17.37
N HIS C 150 -10.93 17.54 -18.53
CA HIS C 150 -9.57 17.98 -18.82
C HIS C 150 -9.43 19.50 -18.73
N GLN C 151 -10.39 20.22 -19.32
CA GLN C 151 -10.38 21.68 -19.24
C GLN C 151 -10.51 22.19 -17.81
N ARG C 152 -11.38 21.55 -17.03
CA ARG C 152 -11.54 21.93 -15.63
C ARG C 152 -10.25 21.74 -14.84
N LEU C 153 -9.58 20.61 -15.09
CA LEU C 153 -8.31 20.31 -14.43
C LEU C 153 -7.28 21.40 -14.73
N LEU C 154 -7.19 21.78 -16.00
CA LEU C 154 -6.27 22.83 -16.41
C LEU C 154 -6.57 24.12 -15.64
N GLY C 155 -7.85 24.38 -15.43
CA GLY C 155 -8.28 25.54 -14.66
C GLY C 155 -7.85 25.50 -13.22
N LYS C 156 -7.93 24.34 -12.59
CA LYS C 156 -7.58 24.19 -11.18
C LYS C 156 -6.07 24.37 -10.97
N LEU C 157 -5.30 24.07 -12.01
CA LEU C 157 -3.84 24.15 -11.93
C LEU C 157 -3.35 25.55 -12.30
N ARG C 158 -4.00 26.17 -13.27
CA ARG C 158 -3.64 27.52 -13.69
C ARG C 158 -4.38 28.58 -12.89
C1 EDO D . 4.31 -4.58 -1.69
O1 EDO D . 3.01 -5.18 -1.71
C2 EDO D . 4.19 -3.10 -1.31
O2 EDO D . 3.82 -2.96 0.05
C1 EDO E . -3.32 -5.69 0.34
O1 EDO E . -2.82 -5.45 -0.97
C2 EDO E . -2.94 -4.56 1.28
O2 EDO E . -3.76 -3.40 1.04
#